data_5N37
#
_entry.id   5N37
#
_cell.length_a   58.754
_cell.length_b   72.649
_cell.length_c   108.286
_cell.angle_alpha   90.00
_cell.angle_beta   90.00
_cell.angle_gamma   90.00
#
_symmetry.space_group_name_H-M   'P 21 21 21'
#
loop_
_entity.id
_entity.type
_entity.pdbx_description
1 polymer 'cAMP-dependent protein kinase catalytic subunit alpha'
2 polymer 'cAMP-dependent protein kinase inhibitor'
3 non-polymer (4S)-2-METHYL-2,4-PENTANEDIOL
4 non-polymer 1,3-benzodioxol-5-ylmethyl(cyclopentyl)azanium
5 non-polymer 'DIMETHYL SULFOXIDE'
6 water water
#
loop_
_entity_poly.entity_id
_entity_poly.type
_entity_poly.pdbx_seq_one_letter_code
_entity_poly.pdbx_strand_id
1 'polypeptide(L)'
;GHMGNAAAAKKG(SEP)EQESVKEFLAKAKEEFLKKWESPSQNTAQLDHFDRIKTLGTGSFGRVMLVKHKETGNHYAMKI
LDKQKVVKLKQIEHTLNEKRILQAVNFPFLVKLEFSFKDNSNLYMVMEYVPGGEMFSHLRRIGRF(SEP)EPHARFYAAQ
IVLTFEYLHSLDLIYRDLKPENLLIDQQGYIQVTDFGFAKRVKGRTW(TPO)LCGTPEYLAPEIILSKGYNKAVDWWALG
VLIYEMAAGYPPFFADQPIQIYEKIVSGKVRFPSHFSSDLKDLLRNLLQVDLTKRFGNLKNGVNDIKNHKWFATTDWIAI
YQRKVEAPFIPKFKGPGDTSNFDDYEEEEIRV(SEP)INEKCGKEFTEF
;
A
2 'polypeptide(L)' IAAGRTGRRQAIHDILVAA B
#
# COMPACT_ATOMS: atom_id res chain seq x y z
N GLY A 1 24.42 -28.25 -3.60
CA GLY A 1 23.51 -27.14 -4.05
C GLY A 1 23.86 -25.84 -3.37
N HIS A 2 22.96 -24.85 -3.47
CA HIS A 2 23.22 -23.56 -2.83
C HIS A 2 23.16 -23.67 -1.30
N MET A 3 22.20 -24.42 -0.76
CA MET A 3 22.13 -24.63 0.68
C MET A 3 22.63 -26.03 1.02
N GLY A 4 23.31 -26.16 2.16
CA GLY A 4 23.79 -27.45 2.63
C GLY A 4 22.94 -28.00 3.75
N ALA A 7 20.57 -25.89 6.58
CA ALA A 7 19.99 -24.66 6.06
C ALA A 7 18.71 -24.94 5.30
N ALA A 8 18.72 -26.01 4.50
CA ALA A 8 17.55 -26.35 3.69
C ALA A 8 16.42 -26.89 4.56
N ALA A 9 16.78 -27.65 5.60
CA ALA A 9 15.79 -28.13 6.56
C ALA A 9 15.16 -26.97 7.33
N LYS A 10 15.97 -25.99 7.72
CA LYS A 10 15.42 -24.82 8.42
C LYS A 10 14.44 -24.06 7.53
N LYS A 11 14.76 -23.91 6.23
CA LYS A 11 13.85 -23.17 5.35
C LYS A 11 12.56 -23.94 5.08
N GLY A 12 12.65 -25.26 4.87
CA GLY A 12 11.44 -26.05 4.67
C GLY A 12 10.50 -25.98 5.88
N GLU A 14 10.32 -23.76 7.92
CA GLU A 14 9.85 -22.37 7.94
C GLU A 14 8.67 -22.21 6.97
N GLN A 15 8.69 -22.95 5.85
CA GLN A 15 7.60 -22.84 4.90
C GLN A 15 6.33 -23.57 5.36
N GLU A 16 6.48 -24.67 6.09
CA GLU A 16 5.32 -25.31 6.71
C GLU A 16 4.70 -24.38 7.77
N SER A 17 5.53 -23.64 8.49
CA SER A 17 4.98 -22.70 9.46
C SER A 17 4.25 -21.55 8.79
N VAL A 18 4.73 -21.11 7.63
CA VAL A 18 4.01 -20.06 6.90
C VAL A 18 2.62 -20.55 6.53
N LYS A 19 2.54 -21.78 6.00
CA LYS A 19 1.25 -22.40 5.67
C LYS A 19 0.31 -22.42 6.88
N GLU A 20 0.83 -22.78 8.05
CA GLU A 20 0.03 -22.82 9.25
C GLU A 20 -0.48 -21.43 9.63
N PHE A 21 0.41 -20.44 9.58
CA PHE A 21 0.02 -19.08 9.89
C PHE A 21 -1.08 -18.59 8.94
N LEU A 22 -0.85 -18.79 7.65
CA LEU A 22 -1.82 -18.25 6.69
C LEU A 22 -3.18 -18.93 6.81
N ALA A 23 -3.19 -20.20 7.21
CA ALA A 23 -4.48 -20.86 7.35
C ALA A 23 -5.26 -20.21 8.49
N LYS A 24 -4.60 -19.93 9.62
N LYS A 24 -4.60 -19.91 9.61
CA LYS A 24 -5.29 -19.27 10.71
CA LYS A 24 -5.29 -19.28 10.72
C LYS A 24 -5.70 -17.87 10.31
C LYS A 24 -5.66 -17.84 10.39
N ALA A 25 -4.82 -17.16 9.60
CA ALA A 25 -5.14 -15.81 9.17
C ALA A 25 -6.38 -15.77 8.29
N LYS A 26 -6.51 -16.76 7.41
N LYS A 26 -6.55 -16.77 7.42
CA LYS A 26 -7.69 -16.81 6.54
CA LYS A 26 -7.72 -16.74 6.54
C LYS A 26 -8.95 -17.00 7.37
C LYS A 26 -8.99 -17.08 7.30
N GLU A 27 -8.90 -17.92 8.34
CA GLU A 27 -10.06 -18.16 9.18
C GLU A 27 -10.51 -16.89 9.88
N GLU A 28 -9.55 -16.13 10.42
CA GLU A 28 -9.87 -14.89 11.11
C GLU A 28 -10.43 -13.85 10.16
N PHE A 29 -9.82 -13.74 8.97
CA PHE A 29 -10.29 -12.79 7.97
C PHE A 29 -11.73 -13.06 7.59
N LEU A 30 -12.06 -14.33 7.31
CA LEU A 30 -13.37 -14.63 6.77
C LEU A 30 -14.47 -14.30 7.77
N LYS A 31 -14.20 -14.48 9.07
CA LYS A 31 -15.20 -14.12 10.07
C LYS A 31 -15.56 -12.64 9.99
N LYS A 32 -14.55 -11.77 9.83
CA LYS A 32 -14.80 -10.33 9.74
C LYS A 32 -15.31 -9.90 8.37
N TRP A 33 -14.90 -10.58 7.30
CA TRP A 33 -15.34 -10.25 5.96
C TRP A 33 -16.83 -10.48 5.79
N GLU A 34 -17.35 -11.58 6.35
CA GLU A 34 -18.73 -11.95 6.21
C GLU A 34 -19.64 -11.14 7.11
N SER A 35 -19.09 -10.53 8.17
CA SER A 35 -19.88 -9.79 9.17
C SER A 35 -19.20 -8.46 9.47
N PRO A 36 -19.31 -7.49 8.56
CA PRO A 36 -18.53 -6.25 8.71
C PRO A 36 -19.12 -5.29 9.74
N SER A 37 -18.20 -4.55 10.39
CA SER A 37 -18.60 -3.48 11.31
C SER A 37 -19.03 -2.24 10.54
N GLN A 38 -19.94 -1.48 11.15
CA GLN A 38 -20.50 -0.31 10.50
C GLN A 38 -20.95 0.68 11.57
N ASN A 39 -20.79 1.97 11.28
CA ASN A 39 -21.33 3.07 12.12
C ASN A 39 -20.85 2.96 13.57
N THR A 40 -19.53 2.98 13.73
CA THR A 40 -18.91 2.82 15.03
C THR A 40 -18.49 4.15 15.65
N ALA A 41 -18.90 5.30 15.07
CA ALA A 41 -18.61 6.61 15.64
C ALA A 41 -19.41 7.68 14.87
N GLN A 42 -19.21 8.94 15.23
N GLN A 42 -19.20 8.94 15.23
CA GLN A 42 -19.85 10.03 14.52
CA GLN A 42 -19.84 10.04 14.53
C GLN A 42 -18.92 11.25 14.52
C GLN A 42 -18.90 11.24 14.52
N LEU A 43 -19.19 12.18 13.62
CA LEU A 43 -18.24 13.25 13.33
C LEU A 43 -17.93 14.09 14.56
N ASP A 44 -18.95 14.43 15.36
CA ASP A 44 -18.68 15.33 16.48
C ASP A 44 -17.93 14.65 17.63
N HIS A 45 -17.54 13.38 17.48
CA HIS A 45 -16.67 12.73 18.46
C HIS A 45 -15.22 13.17 18.34
N PHE A 46 -14.87 13.95 17.32
CA PHE A 46 -13.47 14.22 17.00
C PHE A 46 -13.27 15.71 16.76
N ASP A 47 -12.14 16.22 17.23
CA ASP A 47 -11.66 17.53 16.84
C ASP A 47 -10.76 17.36 15.62
N ARG A 48 -11.00 18.15 14.60
CA ARG A 48 -10.16 18.07 13.39
C ARG A 48 -9.02 19.06 13.53
N ILE A 49 -7.79 18.60 13.29
N ILE A 49 -7.79 18.60 13.27
CA ILE A 49 -6.60 19.37 13.59
CA ILE A 49 -6.58 19.34 13.61
C ILE A 49 -5.94 19.91 12.32
C ILE A 49 -5.90 19.88 12.36
N LYS A 50 -5.63 19.04 11.36
CA LYS A 50 -4.80 19.43 10.23
C LYS A 50 -4.93 18.40 9.12
N THR A 51 -4.89 18.86 7.87
CA THR A 51 -4.86 17.94 6.73
C THR A 51 -3.46 17.36 6.55
N LEU A 52 -3.39 16.02 6.48
CA LEU A 52 -2.13 15.30 6.28
C LEU A 52 -1.87 14.91 4.84
N GLY A 53 -2.89 14.91 4.00
CA GLY A 53 -2.72 14.63 2.60
C GLY A 53 -4.07 14.69 1.94
N THR A 54 -4.03 14.76 0.62
CA THR A 54 -5.26 14.84 -0.16
C THR A 54 -5.21 13.76 -1.22
N GLY A 55 -6.38 13.48 -1.83
N GLY A 55 -6.37 13.49 -1.79
CA GLY A 55 -6.48 12.48 -2.87
CA GLY A 55 -6.43 12.50 -2.82
C GLY A 55 -7.84 12.27 -3.56
C GLY A 55 -7.78 12.52 -3.44
N SER A 56 -8.18 13.11 -4.55
N SER A 56 -8.00 11.51 -4.29
CA SER A 56 -9.24 12.81 -5.51
CA SER A 56 -9.30 11.30 -4.90
C SER A 56 -10.66 13.21 -5.07
C SER A 56 -10.41 11.51 -3.87
N PHE A 57 -11.23 12.55 -4.05
CA PHE A 57 -12.52 12.65 -3.35
C PHE A 57 -12.45 13.29 -1.98
N GLY A 58 -11.30 13.74 -1.51
CA GLY A 58 -11.29 14.35 -0.20
C GLY A 58 -9.89 14.43 0.36
N ARG A 59 -9.76 14.07 1.64
CA ARG A 59 -8.53 14.35 2.34
C ARG A 59 -8.44 13.41 3.53
N VAL A 60 -7.23 13.32 4.07
CA VAL A 60 -6.99 12.67 5.34
C VAL A 60 -6.55 13.74 6.33
N MET A 61 -7.19 13.78 7.49
CA MET A 61 -6.89 14.76 8.51
C MET A 61 -6.44 14.07 9.79
N LEU A 62 -5.48 14.69 10.46
CA LEU A 62 -5.25 14.38 11.87
C LEU A 62 -6.46 14.84 12.65
N VAL A 63 -7.02 13.94 13.47
CA VAL A 63 -8.11 14.29 14.36
C VAL A 63 -7.77 13.79 15.75
N LYS A 64 -8.46 14.35 16.74
CA LYS A 64 -8.26 13.96 18.13
C LYS A 64 -9.61 13.55 18.71
N HIS A 65 -9.66 12.34 19.28
CA HIS A 65 -10.88 11.86 19.91
C HIS A 65 -11.12 12.65 21.20
N LYS A 66 -12.31 13.23 21.32
CA LYS A 66 -12.58 14.16 22.41
C LYS A 66 -12.57 13.46 23.77
N GLU A 67 -13.23 12.30 23.87
CA GLU A 67 -13.32 11.64 25.17
C GLU A 67 -11.95 11.12 25.61
N THR A 68 -11.22 10.45 24.71
CA THR A 68 -10.01 9.76 25.11
C THR A 68 -8.75 10.59 24.91
N GLY A 69 -8.78 11.55 23.98
CA GLY A 69 -7.58 12.29 23.63
C GLY A 69 -6.66 11.58 22.66
N ASN A 70 -7.02 10.37 22.21
CA ASN A 70 -6.22 9.65 21.24
C ASN A 70 -6.28 10.33 19.88
N HIS A 71 -5.16 10.32 19.17
CA HIS A 71 -5.11 10.86 17.82
C HIS A 71 -5.34 9.79 16.78
N TYR A 72 -5.94 10.18 15.65
CA TYR A 72 -6.26 9.26 14.57
C TYR A 72 -6.12 10.01 13.24
N ALA A 73 -6.02 9.25 12.16
CA ALA A 73 -6.06 9.78 10.81
C ALA A 73 -7.43 9.49 10.23
N MET A 74 -8.19 10.55 9.90
CA MET A 74 -9.55 10.40 9.40
C MET A 74 -9.57 10.69 7.91
N LYS A 75 -9.95 9.70 7.12
CA LYS A 75 -10.15 9.87 5.69
C LYS A 75 -11.58 10.31 5.46
N ILE A 76 -11.75 11.43 4.77
CA ILE A 76 -13.05 12.04 4.48
C ILE A 76 -13.24 11.98 2.97
N LEU A 77 -14.32 11.32 2.53
CA LEU A 77 -14.66 11.24 1.13
C LEU A 77 -15.99 11.95 0.87
N ASP A 78 -15.97 12.85 -0.09
CA ASP A 78 -17.18 13.58 -0.47
C ASP A 78 -18.00 12.66 -1.35
N LYS A 79 -19.17 12.21 -0.86
CA LYS A 79 -19.95 11.25 -1.64
C LYS A 79 -20.27 11.75 -3.03
N GLN A 80 -20.46 13.08 -3.19
CA GLN A 80 -20.79 13.67 -4.49
C GLN A 80 -19.61 13.79 -5.43
N LYS A 81 -18.37 13.63 -4.94
CA LYS A 81 -17.25 13.48 -5.83
C LYS A 81 -17.03 12.02 -6.26
N VAL A 82 -17.60 11.06 -5.52
CA VAL A 82 -17.41 9.62 -5.83
C VAL A 82 -18.50 9.26 -6.81
N VAL A 83 -18.28 9.61 -8.07
CA VAL A 83 -19.36 9.67 -9.06
C VAL A 83 -19.36 8.48 -10.01
N LYS A 84 -18.19 8.07 -10.47
CA LYS A 84 -18.05 7.00 -11.46
C LYS A 84 -18.30 5.64 -10.82
N LEU A 85 -18.78 4.70 -11.62
CA LEU A 85 -19.14 3.37 -11.12
C LEU A 85 -17.98 2.72 -10.37
N LYS A 86 -16.77 2.75 -10.95
N LYS A 86 -16.78 2.76 -10.95
CA LYS A 86 -15.68 2.05 -10.29
CA LYS A 86 -15.65 2.09 -10.32
C LYS A 86 -15.10 2.87 -9.15
C LYS A 86 -15.16 2.87 -9.12
N GLN A 87 -15.32 4.20 -9.12
CA GLN A 87 -14.99 4.97 -7.93
C GLN A 87 -15.85 4.54 -6.74
N ILE A 88 -17.16 4.31 -6.98
CA ILE A 88 -18.05 3.85 -5.92
C ILE A 88 -17.65 2.46 -5.42
N GLU A 89 -17.52 1.50 -6.34
CA GLU A 89 -17.20 0.12 -5.97
C GLU A 89 -15.90 0.04 -5.20
N HIS A 90 -14.90 0.81 -5.63
CA HIS A 90 -13.60 0.86 -4.96
C HIS A 90 -13.69 1.38 -3.53
N THR A 91 -14.58 2.34 -3.30
CA THR A 91 -14.76 2.88 -1.96
C THR A 91 -15.33 1.82 -1.03
N LEU A 92 -16.28 1.03 -1.52
CA LEU A 92 -16.82 -0.04 -0.68
C LEU A 92 -15.79 -1.15 -0.44
N ASN A 93 -14.98 -1.48 -1.45
CA ASN A 93 -13.88 -2.43 -1.27
C ASN A 93 -12.99 -1.98 -0.12
N GLU A 94 -12.56 -0.72 -0.16
CA GLU A 94 -11.60 -0.23 0.82
C GLU A 94 -12.10 -0.46 2.24
N LYS A 95 -13.33 -0.04 2.53
CA LYS A 95 -13.79 -0.12 3.90
C LYS A 95 -13.98 -1.58 4.31
N ARG A 96 -14.50 -2.41 3.42
CA ARG A 96 -14.75 -3.79 3.79
C ARG A 96 -13.45 -4.57 4.02
N ILE A 97 -12.44 -4.34 3.18
CA ILE A 97 -11.16 -5.00 3.37
C ILE A 97 -10.51 -4.51 4.65
N LEU A 98 -10.49 -3.19 4.87
CA LEU A 98 -9.79 -2.68 6.03
C LEU A 98 -10.38 -3.17 7.33
N GLN A 99 -11.70 -3.36 7.38
CA GLN A 99 -12.26 -3.80 8.64
C GLN A 99 -12.00 -5.28 8.91
N ALA A 100 -11.52 -6.03 7.90
CA ALA A 100 -11.36 -7.49 8.02
C ALA A 100 -9.90 -7.95 8.12
N VAL A 101 -8.92 -7.14 7.72
CA VAL A 101 -7.52 -7.58 7.73
C VAL A 101 -6.86 -7.26 9.07
N ASN A 102 -5.73 -7.93 9.33
CA ASN A 102 -4.94 -7.76 10.55
C ASN A 102 -3.54 -8.24 10.24
N PHE A 103 -2.58 -7.33 10.19
CA PHE A 103 -1.20 -7.68 9.88
C PHE A 103 -0.31 -6.57 10.39
N PRO A 104 0.93 -6.88 10.77
CA PRO A 104 1.73 -5.87 11.47
C PRO A 104 2.06 -4.66 10.63
N PHE A 105 2.01 -4.78 9.31
CA PHE A 105 2.43 -3.71 8.42
C PHE A 105 1.25 -3.10 7.67
N LEU A 106 0.04 -3.30 8.17
CA LEU A 106 -1.19 -2.73 7.59
C LEU A 106 -1.82 -1.79 8.59
N VAL A 107 -2.20 -0.60 8.13
N VAL A 107 -2.24 -0.61 8.13
CA VAL A 107 -2.87 0.34 9.02
CA VAL A 107 -2.85 0.36 9.04
C VAL A 107 -4.14 -0.29 9.60
C VAL A 107 -4.19 -0.15 9.54
N LYS A 108 -4.45 0.08 10.84
CA LYS A 108 -5.65 -0.44 11.51
C LYS A 108 -6.78 0.59 11.38
N LEU A 109 -7.92 0.13 10.83
CA LEU A 109 -9.17 0.89 10.86
C LEU A 109 -9.81 0.75 12.22
N GLU A 110 -10.09 1.87 12.84
CA GLU A 110 -10.65 1.90 14.17
C GLU A 110 -12.13 2.26 14.19
N PHE A 111 -12.58 3.15 13.28
CA PHE A 111 -14.00 3.50 13.17
C PHE A 111 -14.37 3.81 11.72
N SER A 112 -15.65 3.67 11.40
CA SER A 112 -16.15 4.16 10.13
C SER A 112 -17.59 4.60 10.31
N PHE A 113 -18.03 5.55 9.49
CA PHE A 113 -19.39 6.08 9.57
C PHE A 113 -19.61 7.00 8.37
N LYS A 114 -20.85 7.48 8.20
CA LYS A 114 -21.18 8.33 7.07
C LYS A 114 -22.25 9.32 7.49
N ASP A 115 -22.39 10.39 6.72
CA ASP A 115 -23.44 11.38 7.00
C ASP A 115 -24.07 11.78 5.68
N ASN A 116 -24.81 12.90 5.69
CA ASN A 116 -25.51 13.28 4.47
C ASN A 116 -24.57 13.53 3.30
N SER A 117 -23.34 14.00 3.57
CA SER A 117 -22.47 14.44 2.51
C SER A 117 -21.26 13.55 2.31
N ASN A 118 -20.75 12.94 3.37
CA ASN A 118 -19.43 12.31 3.32
C ASN A 118 -19.43 10.90 3.86
N LEU A 119 -18.36 10.17 3.51
CA LEU A 119 -17.96 8.92 4.13
C LEU A 119 -16.72 9.17 4.95
N TYR A 120 -16.59 8.45 6.07
CA TYR A 120 -15.46 8.62 6.97
C TYR A 120 -14.85 7.29 7.38
N MET A 121 -13.51 7.21 7.31
CA MET A 121 -12.77 6.08 7.83
C MET A 121 -11.70 6.61 8.76
N VAL A 122 -11.72 6.16 10.01
CA VAL A 122 -10.82 6.65 11.04
C VAL A 122 -9.82 5.55 11.31
N MET A 123 -8.54 5.83 11.14
N MET A 123 -8.55 5.81 10.99
CA MET A 123 -7.48 4.85 11.25
CA MET A 123 -7.44 4.86 11.07
C MET A 123 -6.45 5.30 12.28
C MET A 123 -6.45 5.32 12.13
N GLU A 124 -5.58 4.36 12.66
N GLU A 124 -5.60 4.40 12.55
CA GLU A 124 -4.41 4.74 13.44
CA GLU A 124 -4.49 4.77 13.43
C GLU A 124 -3.64 5.84 12.72
C GLU A 124 -3.59 5.81 12.73
N TYR A 125 -3.17 6.80 13.50
CA TYR A 125 -2.27 7.83 13.03
C TYR A 125 -0.82 7.35 13.14
N VAL A 126 -0.11 7.49 12.03
CA VAL A 126 1.29 7.05 11.91
C VAL A 126 2.12 8.32 11.72
N PRO A 127 2.74 8.83 12.79
CA PRO A 127 3.30 10.17 12.73
C PRO A 127 4.62 10.29 12.00
N GLY A 128 5.24 9.20 11.58
CA GLY A 128 6.55 9.31 10.96
C GLY A 128 6.55 9.79 9.55
N GLY A 129 5.37 9.94 8.94
CA GLY A 129 5.29 10.45 7.58
C GLY A 129 5.32 9.37 6.51
N GLU A 130 5.19 9.86 5.27
CA GLU A 130 5.20 9.00 4.10
C GLU A 130 6.63 8.64 3.72
N MET A 131 6.83 7.38 3.31
CA MET A 131 8.10 7.00 2.70
C MET A 131 8.47 7.99 1.60
N PHE A 132 7.47 8.41 0.81
CA PHE A 132 7.66 9.31 -0.30
C PHE A 132 8.50 10.54 0.08
N SER A 133 8.14 11.24 1.15
N SER A 133 8.10 11.24 1.14
CA SER A 133 8.87 12.48 1.40
CA SER A 133 8.80 12.45 1.57
C SER A 133 10.28 12.21 1.96
C SER A 133 10.24 12.14 1.89
N HIS A 134 10.46 11.13 2.73
CA HIS A 134 11.81 10.77 3.17
C HIS A 134 12.67 10.41 1.99
N LEU A 135 12.12 9.65 1.05
CA LEU A 135 12.86 9.25 -0.13
C LEU A 135 13.24 10.46 -0.99
N ARG A 136 12.29 11.35 -1.25
CA ARG A 136 12.62 12.52 -2.08
C ARG A 136 13.64 13.41 -1.39
N ARG A 137 13.59 13.48 -0.06
CA ARG A 137 14.51 14.33 0.67
C ARG A 137 15.93 13.81 0.65
N ILE A 138 16.11 12.50 0.87
N ILE A 138 16.13 12.49 0.85
CA ILE A 138 17.43 11.87 0.89
CA ILE A 138 17.49 11.95 0.86
C ILE A 138 17.95 11.64 -0.53
C ILE A 138 17.95 11.45 -0.50
N GLY A 139 17.05 11.41 -1.49
CA GLY A 139 17.43 11.05 -2.85
C GLY A 139 17.15 9.59 -3.14
N ARG A 140 17.91 8.71 -2.51
CA ARG A 140 17.68 7.27 -2.65
C ARG A 140 18.10 6.59 -1.36
N PHE A 141 17.55 5.41 -1.15
CA PHE A 141 17.95 4.54 -0.05
C PHE A 141 19.06 3.57 -0.46
N GLU A 143 21.02 -0.09 -0.56
CA GLU A 143 20.33 -1.35 -0.80
C GLU A 143 19.87 -2.05 0.48
N PRO A 144 20.66 -2.02 1.57
CA PRO A 144 20.14 -2.64 2.81
C PRO A 144 18.89 -1.95 3.34
N HIS A 145 18.84 -0.63 3.24
CA HIS A 145 17.69 0.15 3.67
C HIS A 145 16.46 -0.16 2.81
N ALA A 146 16.63 -0.13 1.47
CA ALA A 146 15.55 -0.52 0.56
C ALA A 146 15.08 -1.95 0.84
N ARG A 147 16.04 -2.85 1.10
N ARG A 147 16.03 -2.86 1.09
CA ARG A 147 15.74 -4.26 1.33
CA ARG A 147 15.68 -4.26 1.30
C ARG A 147 14.88 -4.46 2.56
C ARG A 147 14.82 -4.43 2.55
N PHE A 148 15.16 -3.71 3.62
CA PHE A 148 14.37 -3.79 4.85
C PHE A 148 12.89 -3.43 4.60
N TYR A 149 12.65 -2.36 3.85
CA TYR A 149 11.27 -2.01 3.50
C TYR A 149 10.67 -3.02 2.54
N ALA A 150 11.44 -3.47 1.54
CA ALA A 150 10.91 -4.42 0.56
C ALA A 150 10.46 -5.69 1.24
N ALA A 151 11.22 -6.16 2.24
CA ALA A 151 10.86 -7.41 2.92
C ALA A 151 9.49 -7.28 3.57
N GLN A 152 9.19 -6.13 4.15
CA GLN A 152 7.87 -5.94 4.75
C GLN A 152 6.77 -5.95 3.71
N ILE A 153 7.00 -5.38 2.52
CA ILE A 153 5.99 -5.46 1.47
C ILE A 153 5.81 -6.89 0.99
N VAL A 154 6.91 -7.63 0.83
CA VAL A 154 6.80 -9.05 0.41
C VAL A 154 5.91 -9.80 1.37
N LEU A 155 6.13 -9.64 2.68
CA LEU A 155 5.32 -10.37 3.67
C LEU A 155 3.86 -9.91 3.63
N THR A 156 3.65 -8.59 3.46
CA THR A 156 2.30 -8.06 3.43
C THR A 156 1.55 -8.58 2.23
N PHE A 157 2.19 -8.61 1.06
CA PHE A 157 1.54 -9.17 -0.11
C PHE A 157 1.32 -10.67 0.04
N GLU A 158 2.26 -11.41 0.64
CA GLU A 158 2.00 -12.82 0.86
C GLU A 158 0.74 -13.03 1.69
N TYR A 159 0.58 -12.21 2.72
CA TYR A 159 -0.63 -12.25 3.53
C TYR A 159 -1.87 -11.86 2.71
N LEU A 160 -1.85 -10.70 2.05
CA LEU A 160 -3.04 -10.26 1.29
C LEU A 160 -3.41 -11.27 0.22
N HIS A 161 -2.42 -11.75 -0.56
CA HIS A 161 -2.74 -12.65 -1.66
C HIS A 161 -3.30 -13.97 -1.17
N SER A 162 -2.90 -14.38 0.03
CA SER A 162 -3.43 -15.64 0.56
C SER A 162 -4.91 -15.53 0.87
N LEU A 163 -5.39 -14.30 1.12
CA LEU A 163 -6.79 -13.97 1.35
C LEU A 163 -7.52 -13.63 0.06
N ASP A 164 -6.86 -13.82 -1.08
CA ASP A 164 -7.40 -13.45 -2.40
C ASP A 164 -7.60 -11.95 -2.54
N LEU A 165 -6.75 -11.16 -1.86
CA LEU A 165 -6.79 -9.72 -1.98
C LEU A 165 -5.63 -9.25 -2.85
N ILE A 166 -5.93 -8.41 -3.83
CA ILE A 166 -4.91 -7.71 -4.62
C ILE A 166 -4.88 -6.26 -4.16
N TYR A 167 -3.69 -5.68 -4.05
CA TYR A 167 -3.55 -4.34 -3.47
C TYR A 167 -3.66 -3.22 -4.52
N ARG A 168 -2.92 -3.34 -5.61
CA ARG A 168 -3.06 -2.56 -6.85
C ARG A 168 -2.62 -1.09 -6.78
N ASP A 169 -2.10 -0.57 -5.68
CA ASP A 169 -1.61 0.82 -5.71
C ASP A 169 -0.35 0.98 -4.89
N LEU A 170 0.56 0.00 -4.99
CA LEU A 170 1.84 0.14 -4.28
C LEU A 170 2.64 1.32 -4.86
N LYS A 171 3.16 2.17 -3.96
CA LYS A 171 4.09 3.26 -4.28
C LYS A 171 4.47 3.96 -2.98
N PRO A 172 5.54 4.75 -2.96
CA PRO A 172 6.01 5.34 -1.68
C PRO A 172 4.98 6.26 -1.02
N GLU A 173 4.10 6.88 -1.79
CA GLU A 173 3.07 7.73 -1.21
C GLU A 173 2.16 6.97 -0.27
N ASN A 174 2.00 5.66 -0.51
CA ASN A 174 1.04 4.86 0.21
C ASN A 174 1.65 4.15 1.41
N LEU A 175 2.91 4.40 1.72
CA LEU A 175 3.64 3.69 2.76
C LEU A 175 4.08 4.66 3.84
N LEU A 176 3.60 4.46 5.05
CA LEU A 176 3.97 5.32 6.16
C LEU A 176 5.01 4.65 7.03
N ILE A 177 5.84 5.47 7.66
N ILE A 177 5.79 5.47 7.74
CA ILE A 177 6.88 4.98 8.57
CA ILE A 177 6.90 4.97 8.56
C ILE A 177 6.36 5.16 9.99
C ILE A 177 6.56 5.19 10.03
N ASP A 178 6.42 4.08 10.77
CA ASP A 178 5.94 4.17 12.14
C ASP A 178 7.09 4.51 13.10
N GLN A 179 6.75 4.55 14.39
CA GLN A 179 7.70 5.02 15.39
C GLN A 179 8.88 4.09 15.61
N GLN A 180 8.80 2.86 15.12
CA GLN A 180 9.92 1.91 15.20
C GLN A 180 10.68 1.85 13.88
N GLY A 181 10.28 2.67 12.90
CA GLY A 181 10.92 2.67 11.60
C GLY A 181 10.39 1.63 10.64
N TYR A 182 9.32 0.94 11.00
CA TYR A 182 8.73 -0.04 10.11
C TYR A 182 7.63 0.59 9.26
N ILE A 183 7.26 -0.12 8.18
N ILE A 183 7.28 -0.11 8.18
CA ILE A 183 6.26 0.35 7.21
CA ILE A 183 6.23 0.33 7.26
C ILE A 183 4.84 -0.03 7.64
C ILE A 183 4.85 0.08 7.82
N GLN A 184 3.93 0.91 7.42
N GLN A 184 3.95 1.00 7.46
CA GLN A 184 2.48 0.70 7.55
CA GLN A 184 2.51 0.79 7.50
C GLN A 184 1.81 1.07 6.22
C GLN A 184 1.96 1.06 6.10
N VAL A 185 1.29 0.07 5.52
CA VAL A 185 0.60 0.27 4.24
C VAL A 185 -0.75 0.87 4.53
N THR A 186 -1.05 1.97 3.86
CA THR A 186 -2.37 2.53 3.94
C THR A 186 -2.92 2.65 2.52
N ASP A 187 -4.04 3.33 2.40
CA ASP A 187 -4.68 3.68 1.13
C ASP A 187 -5.03 2.40 0.35
N PHE A 188 -6.07 1.72 0.87
CA PHE A 188 -6.63 0.52 0.27
C PHE A 188 -7.73 0.82 -0.74
N GLY A 189 -7.75 2.03 -1.28
CA GLY A 189 -8.76 2.40 -2.24
C GLY A 189 -8.81 1.59 -3.51
N PHE A 190 -7.72 0.93 -3.90
CA PHE A 190 -7.67 0.11 -5.10
C PHE A 190 -7.62 -1.38 -4.80
N ALA A 191 -7.67 -1.76 -3.53
CA ALA A 191 -7.60 -3.17 -3.18
C ALA A 191 -8.93 -3.86 -3.46
N LYS A 192 -8.86 -5.15 -3.80
CA LYS A 192 -10.03 -5.87 -4.21
C LYS A 192 -9.87 -7.35 -3.87
N ARG A 193 -10.96 -7.96 -3.43
CA ARG A 193 -10.97 -9.41 -3.30
C ARG A 193 -11.32 -10.03 -4.65
N VAL A 194 -10.40 -10.87 -5.15
CA VAL A 194 -10.41 -11.40 -6.52
C VAL A 194 -10.04 -12.87 -6.45
N LYS A 195 -10.95 -13.74 -6.86
CA LYS A 195 -10.61 -15.12 -7.16
C LYS A 195 -10.44 -15.11 -8.67
N GLY A 196 -9.20 -15.16 -9.09
CA GLY A 196 -8.85 -15.29 -10.48
C GLY A 196 -8.43 -13.97 -11.09
N ARG A 197 -9.15 -13.61 -12.15
CA ARG A 197 -8.87 -12.39 -12.90
C ARG A 197 -9.78 -11.25 -12.47
N THR A 198 -9.31 -10.04 -12.72
CA THR A 198 -10.14 -8.85 -12.67
C THR A 198 -9.74 -7.96 -13.84
N TRP A 199 -10.58 -6.96 -14.13
CA TRP A 199 -10.46 -6.23 -15.39
C TRP A 199 -10.42 -4.70 -15.29
N LEU A 201 -9.31 -1.00 -15.26
CA LEU A 201 -8.09 -0.29 -15.63
C LEU A 201 -7.86 0.78 -14.58
N CYS A 202 -7.04 0.47 -13.57
CA CYS A 202 -6.84 1.36 -12.44
C CYS A 202 -5.42 1.18 -11.87
N GLY A 203 -4.95 2.25 -11.22
CA GLY A 203 -3.68 2.30 -10.54
C GLY A 203 -2.97 3.59 -10.85
N THR A 204 -1.67 3.61 -10.55
CA THR A 204 -0.88 4.79 -10.79
C THR A 204 0.03 4.54 -11.98
N PRO A 205 0.05 5.41 -12.98
CA PRO A 205 0.75 5.13 -14.24
C PRO A 205 2.13 4.48 -14.12
N GLU A 206 3.04 5.07 -13.32
CA GLU A 206 4.40 4.57 -13.21
C GLU A 206 4.48 3.13 -12.71
N TYR A 207 3.46 2.67 -11.99
CA TYR A 207 3.46 1.40 -11.29
C TYR A 207 2.57 0.36 -11.96
N LEU A 208 1.92 0.70 -13.08
CA LEU A 208 1.02 -0.24 -13.75
C LEU A 208 1.78 -1.37 -14.44
N ALA A 209 1.34 -2.60 -14.20
CA ALA A 209 1.84 -3.73 -14.92
C ALA A 209 1.42 -3.68 -16.37
N PRO A 210 2.21 -4.26 -17.27
CA PRO A 210 1.86 -4.20 -18.71
C PRO A 210 0.50 -4.77 -19.02
N GLU A 211 0.10 -5.86 -18.36
CA GLU A 211 -1.18 -6.45 -18.66
C GLU A 211 -2.34 -5.53 -18.29
N ILE A 212 -2.17 -4.64 -17.32
CA ILE A 212 -3.24 -3.67 -17.05
C ILE A 212 -3.34 -2.70 -18.21
N ILE A 213 -2.21 -2.14 -18.64
CA ILE A 213 -2.18 -1.17 -19.73
C ILE A 213 -2.77 -1.77 -21.00
N LEU A 214 -2.50 -3.05 -21.24
CA LEU A 214 -2.99 -3.76 -22.43
C LEU A 214 -4.43 -4.25 -22.32
N SER A 215 -5.15 -3.88 -21.27
CA SER A 215 -6.58 -4.21 -21.12
C SER A 215 -6.79 -5.72 -21.08
N LYS A 216 -5.84 -6.43 -20.50
CA LYS A 216 -6.01 -7.85 -20.27
C LYS A 216 -6.64 -8.07 -18.91
N GLY A 217 -7.40 -9.15 -18.79
CA GLY A 217 -7.76 -9.63 -17.47
C GLY A 217 -6.51 -10.04 -16.73
N TYR A 218 -6.36 -9.56 -15.51
CA TYR A 218 -5.10 -9.72 -14.82
C TYR A 218 -5.35 -10.24 -13.41
N ASN A 219 -4.26 -10.61 -12.74
CA ASN A 219 -4.37 -11.24 -11.42
C ASN A 219 -3.37 -10.63 -10.44
N LYS A 220 -3.18 -11.29 -9.30
CA LYS A 220 -2.33 -10.76 -8.24
C LYS A 220 -0.88 -10.53 -8.69
N ALA A 221 -0.45 -11.09 -9.82
CA ALA A 221 0.92 -10.83 -10.27
C ALA A 221 1.17 -9.35 -10.55
N VAL A 222 0.12 -8.54 -10.73
CA VAL A 222 0.37 -7.10 -10.91
C VAL A 222 1.04 -6.49 -9.67
N ASP A 223 0.74 -7.03 -8.49
CA ASP A 223 1.38 -6.54 -7.28
C ASP A 223 2.88 -6.84 -7.26
N TRP A 224 3.29 -7.98 -7.80
CA TRP A 224 4.71 -8.32 -7.81
C TRP A 224 5.47 -7.47 -8.83
N TRP A 225 4.84 -7.15 -9.96
CA TRP A 225 5.40 -6.14 -10.84
C TRP A 225 5.61 -4.82 -10.09
N ALA A 226 4.57 -4.37 -9.42
CA ALA A 226 4.68 -3.09 -8.71
C ALA A 226 5.72 -3.13 -7.62
N LEU A 227 5.92 -4.28 -6.97
CA LEU A 227 7.05 -4.40 -6.05
C LEU A 227 8.38 -4.11 -6.75
N GLY A 228 8.55 -4.63 -7.96
CA GLY A 228 9.76 -4.32 -8.70
C GLY A 228 9.92 -2.83 -8.93
N VAL A 229 8.85 -2.16 -9.30
CA VAL A 229 8.91 -0.72 -9.49
C VAL A 229 9.31 -0.02 -8.20
N LEU A 230 8.70 -0.43 -7.07
CA LEU A 230 8.99 0.20 -5.79
C LEU A 230 10.43 -0.01 -5.39
N ILE A 231 10.93 -1.26 -5.50
CA ILE A 231 12.33 -1.51 -5.11
C ILE A 231 13.27 -0.68 -5.97
N TYR A 232 13.01 -0.61 -7.28
CA TYR A 232 13.83 0.21 -8.15
C TYR A 232 13.80 1.66 -7.69
N GLU A 233 12.59 2.20 -7.45
CA GLU A 233 12.49 3.62 -7.08
C GLU A 233 13.17 3.89 -5.73
N MET A 234 13.01 2.99 -4.76
CA MET A 234 13.69 3.16 -3.48
C MET A 234 15.21 3.22 -3.68
N ALA A 235 15.75 2.33 -4.49
CA ALA A 235 17.20 2.18 -4.61
C ALA A 235 17.81 3.18 -5.62
N ALA A 236 17.02 3.67 -6.57
CA ALA A 236 17.51 4.63 -7.56
C ALA A 236 17.18 6.08 -7.22
N GLY A 237 16.02 6.30 -6.60
CA GLY A 237 15.48 7.61 -6.37
C GLY A 237 14.44 8.06 -7.38
N TYR A 238 14.20 7.26 -8.41
CA TYR A 238 13.23 7.52 -9.44
C TYR A 238 12.78 6.17 -9.98
N PRO A 239 11.59 6.08 -10.54
CA PRO A 239 11.08 4.82 -11.00
C PRO A 239 11.65 4.44 -12.36
N PRO A 240 11.48 3.17 -12.75
CA PRO A 240 12.13 2.66 -13.98
C PRO A 240 11.52 3.16 -15.28
N PHE A 241 10.23 3.53 -15.26
CA PHE A 241 9.49 3.96 -16.45
C PHE A 241 9.01 5.39 -16.11
N PHE A 242 9.76 6.35 -16.61
CA PHE A 242 9.83 7.71 -16.05
C PHE A 242 9.65 8.63 -17.24
N ALA A 243 8.53 9.35 -17.29
CA ALA A 243 8.27 10.33 -18.34
C ALA A 243 7.26 11.36 -17.83
N ASP A 244 7.15 12.47 -18.56
CA ASP A 244 6.30 13.55 -18.08
C ASP A 244 4.82 13.22 -18.22
N GLN A 245 4.42 12.50 -19.32
CA GLN A 245 3.02 12.21 -19.63
C GLN A 245 2.69 10.71 -19.46
N PRO A 246 1.50 10.38 -18.91
CA PRO A 246 1.15 8.96 -18.79
C PRO A 246 1.32 8.13 -20.07
N ILE A 247 0.96 8.65 -21.24
CA ILE A 247 1.04 7.80 -22.42
C ILE A 247 2.48 7.38 -22.72
N GLN A 248 3.44 8.26 -22.47
CA GLN A 248 4.85 7.93 -22.68
C GLN A 248 5.30 6.87 -21.69
N ILE A 249 4.81 6.95 -20.46
CA ILE A 249 5.11 5.94 -19.45
C ILE A 249 4.62 4.57 -19.93
N TYR A 250 3.40 4.52 -20.47
CA TYR A 250 2.80 3.25 -20.86
C TYR A 250 3.61 2.54 -21.96
N GLU A 251 4.11 3.31 -22.94
CA GLU A 251 4.94 2.72 -24.01
C GLU A 251 6.23 2.13 -23.44
N LYS A 252 6.86 2.76 -22.44
CA LYS A 252 8.07 2.19 -21.86
C LYS A 252 7.77 0.92 -21.10
N ILE A 253 6.65 0.91 -20.39
CA ILE A 253 6.28 -0.26 -19.59
C ILE A 253 6.10 -1.50 -20.47
N VAL A 254 5.38 -1.35 -21.58
N VAL A 254 5.37 -1.38 -21.58
CA VAL A 254 5.04 -2.50 -22.41
CA VAL A 254 5.06 -2.59 -22.35
C VAL A 254 6.27 -3.04 -23.12
C VAL A 254 6.19 -2.98 -23.30
N SER A 255 7.26 -2.19 -23.37
CA SER A 255 8.39 -2.53 -24.25
C SER A 255 9.16 -3.79 -23.83
N GLY A 256 9.21 -4.15 -22.55
CA GLY A 256 10.07 -5.24 -22.12
C GLY A 256 11.51 -4.84 -21.86
N LYS A 257 11.81 -3.54 -21.80
CA LYS A 257 13.16 -3.00 -21.57
C LYS A 257 13.17 -2.24 -20.26
N VAL A 258 14.29 -2.32 -19.53
CA VAL A 258 14.56 -1.58 -18.29
C VAL A 258 16.07 -1.38 -18.21
N ARG A 259 16.46 -0.16 -17.85
CA ARG A 259 17.85 0.23 -17.64
C ARG A 259 18.07 0.50 -16.17
N PHE A 260 19.26 0.14 -15.68
CA PHE A 260 19.54 0.23 -14.25
C PHE A 260 20.67 1.21 -13.98
N PRO A 261 20.64 1.92 -12.84
CA PRO A 261 21.80 2.73 -12.47
C PRO A 261 23.05 1.88 -12.29
N SER A 262 24.22 2.50 -12.56
CA SER A 262 25.46 1.75 -12.48
C SER A 262 25.81 1.35 -11.05
N HIS A 263 25.18 1.95 -10.05
CA HIS A 263 25.43 1.56 -8.67
C HIS A 263 24.55 0.41 -8.19
N PHE A 264 23.60 -0.04 -8.97
CA PHE A 264 22.82 -1.22 -8.56
C PHE A 264 23.70 -2.46 -8.55
N SER A 265 23.60 -3.25 -7.49
CA SER A 265 24.29 -4.54 -7.43
C SER A 265 23.72 -5.48 -8.48
N SER A 266 24.53 -6.44 -8.91
N SER A 266 24.54 -6.45 -8.89
CA SER A 266 24.03 -7.44 -9.84
CA SER A 266 24.06 -7.45 -9.83
C SER A 266 22.90 -8.26 -9.23
C SER A 266 22.92 -8.27 -9.24
N ASP A 267 22.97 -8.57 -7.93
CA ASP A 267 21.85 -9.28 -7.30
C ASP A 267 20.56 -8.50 -7.41
N LEU A 268 20.64 -7.18 -7.17
CA LEU A 268 19.44 -6.37 -7.27
C LEU A 268 18.91 -6.35 -8.70
N LYS A 269 19.79 -6.16 -9.69
CA LYS A 269 19.33 -6.17 -11.08
C LYS A 269 18.69 -7.49 -11.45
N ASP A 270 19.25 -8.61 -10.98
CA ASP A 270 18.65 -9.90 -11.31
C ASP A 270 17.24 -10.02 -10.72
N LEU A 271 17.06 -9.64 -9.46
CA LEU A 271 15.73 -9.66 -8.87
C LEU A 271 14.77 -8.79 -9.67
N LEU A 272 15.21 -7.57 -10.00
CA LEU A 272 14.32 -6.65 -10.69
C LEU A 272 13.98 -7.13 -12.09
N ARG A 273 14.90 -7.79 -12.79
CA ARG A 273 14.55 -8.29 -14.12
C ARG A 273 13.50 -9.38 -14.04
N ASN A 274 13.46 -10.11 -12.92
CA ASN A 274 12.49 -11.16 -12.74
C ASN A 274 11.15 -10.66 -12.18
N LEU A 275 11.11 -9.49 -11.53
CA LEU A 275 9.84 -8.88 -11.12
C LEU A 275 9.25 -8.05 -12.27
N LEU A 276 10.09 -7.25 -12.91
CA LEU A 276 9.69 -6.40 -14.02
C LEU A 276 9.74 -7.21 -15.31
N GLN A 277 9.08 -8.34 -15.26
CA GLN A 277 9.02 -9.31 -16.34
C GLN A 277 7.65 -9.22 -17.01
N VAL A 278 7.65 -8.86 -18.29
N VAL A 278 7.64 -8.84 -18.28
CA VAL A 278 6.38 -8.68 -19.00
CA VAL A 278 6.37 -8.69 -18.99
C VAL A 278 5.70 -10.01 -19.30
C VAL A 278 5.68 -10.05 -19.15
N ASP A 279 6.45 -11.11 -19.38
CA ASP A 279 5.92 -12.45 -19.63
C ASP A 279 5.45 -13.04 -18.30
N LEU A 280 4.14 -13.20 -18.15
CA LEU A 280 3.58 -13.71 -16.90
C LEU A 280 3.98 -15.14 -16.61
N THR A 281 4.39 -15.92 -17.61
CA THR A 281 4.87 -17.27 -17.32
C THR A 281 6.26 -17.25 -16.72
N LYS A 282 6.88 -16.07 -16.64
CA LYS A 282 8.23 -15.96 -16.12
C LYS A 282 8.35 -15.03 -14.94
N ARG A 283 7.29 -14.34 -14.53
CA ARG A 283 7.41 -13.31 -13.50
C ARG A 283 7.48 -13.92 -12.11
N PHE A 284 8.49 -13.52 -11.34
CA PHE A 284 8.62 -13.98 -9.97
C PHE A 284 7.43 -13.53 -9.15
N GLY A 285 6.98 -14.45 -8.29
CA GLY A 285 5.75 -14.29 -7.56
C GLY A 285 4.60 -15.00 -8.23
N ASN A 286 4.76 -15.32 -9.52
CA ASN A 286 3.71 -15.91 -10.33
C ASN A 286 4.05 -17.30 -10.84
N LEU A 287 5.10 -17.91 -10.31
CA LEU A 287 5.52 -19.23 -10.77
C LEU A 287 5.07 -20.29 -9.78
N LYS A 288 5.45 -21.55 -10.07
CA LYS A 288 4.98 -22.65 -9.25
C LYS A 288 5.39 -22.48 -7.78
N ASN A 289 6.57 -21.90 -7.51
N ASN A 289 6.58 -21.90 -7.52
CA ASN A 289 7.02 -21.70 -6.12
CA ASN A 289 7.08 -21.70 -6.16
C ASN A 289 6.55 -20.38 -5.52
C ASN A 289 6.53 -20.42 -5.52
N GLY A 290 5.68 -19.66 -6.21
CA GLY A 290 5.06 -18.49 -5.63
C GLY A 290 6.03 -17.49 -5.04
N VAL A 291 5.67 -17.00 -3.85
CA VAL A 291 6.44 -15.94 -3.23
C VAL A 291 7.83 -16.45 -2.84
N ASN A 292 8.02 -17.76 -2.76
CA ASN A 292 9.32 -18.23 -2.32
C ASN A 292 10.42 -17.98 -3.34
N ASP A 293 10.10 -17.78 -4.62
CA ASP A 293 11.14 -17.38 -5.57
C ASP A 293 11.69 -16.02 -5.22
N ILE A 294 10.87 -15.19 -4.60
CA ILE A 294 11.30 -13.87 -4.15
C ILE A 294 12.03 -13.99 -2.83
N LYS A 295 11.43 -14.68 -1.87
CA LYS A 295 12.01 -14.74 -0.54
C LYS A 295 13.38 -15.44 -0.56
N ASN A 296 13.60 -16.38 -1.48
CA ASN A 296 14.85 -17.14 -1.57
C ASN A 296 15.84 -16.53 -2.55
N HIS A 297 15.52 -15.38 -3.16
CA HIS A 297 16.45 -14.75 -4.06
C HIS A 297 17.70 -14.28 -3.31
N LYS A 298 18.83 -14.31 -4.01
CA LYS A 298 20.10 -13.89 -3.42
C LYS A 298 20.04 -12.49 -2.81
N TRP A 299 19.29 -11.57 -3.43
CA TRP A 299 19.29 -10.22 -2.88
C TRP A 299 18.71 -10.19 -1.47
N PHE A 300 17.86 -11.17 -1.14
CA PHE A 300 17.29 -11.25 0.19
C PHE A 300 18.03 -12.24 1.08
N ALA A 301 19.24 -12.68 0.70
CA ALA A 301 19.89 -13.75 1.46
C ALA A 301 20.13 -13.38 2.92
N THR A 302 20.35 -12.08 3.22
CA THR A 302 20.57 -11.60 4.59
C THR A 302 19.29 -11.34 5.37
N THR A 303 18.13 -11.53 4.75
CA THR A 303 16.86 -11.15 5.38
C THR A 303 16.37 -12.31 6.23
N ASP A 304 16.15 -12.03 7.50
CA ASP A 304 15.52 -12.96 8.43
C ASP A 304 14.02 -12.66 8.38
N TRP A 305 13.31 -13.42 7.54
CA TRP A 305 11.90 -13.14 7.29
C TRP A 305 11.08 -13.19 8.56
N ILE A 306 11.34 -14.19 9.40
CA ILE A 306 10.58 -14.29 10.64
C ILE A 306 10.89 -13.12 11.55
N ALA A 307 12.16 -12.72 11.64
CA ALA A 307 12.51 -11.61 12.50
C ALA A 307 11.91 -10.28 12.03
N ILE A 308 11.77 -10.10 10.72
CA ILE A 308 11.08 -8.91 10.20
C ILE A 308 9.61 -8.92 10.65
N TYR A 309 8.92 -10.05 10.43
CA TYR A 309 7.52 -10.16 10.85
C TYR A 309 7.36 -9.86 12.32
N GLN A 310 8.28 -10.37 13.14
CA GLN A 310 8.20 -10.20 14.57
C GLN A 310 8.74 -8.86 15.01
N ARG A 311 9.20 -8.03 14.05
CA ARG A 311 9.69 -6.68 14.32
C ARG A 311 10.89 -6.69 15.26
N LYS A 312 11.77 -7.68 15.09
CA LYS A 312 12.97 -7.80 15.91
C LYS A 312 14.19 -7.17 15.26
N VAL A 313 14.09 -6.74 14.01
CA VAL A 313 15.23 -6.20 13.29
C VAL A 313 15.32 -4.70 13.55
N GLU A 314 16.52 -4.20 13.79
CA GLU A 314 16.67 -2.76 13.97
C GLU A 314 16.46 -2.03 12.66
N ALA A 315 15.60 -1.01 12.67
CA ALA A 315 15.29 -0.30 11.43
C ALA A 315 16.40 0.67 11.04
N PRO A 316 16.50 0.99 9.75
CA PRO A 316 17.58 1.85 9.27
C PRO A 316 17.38 3.30 9.65
N PHE A 317 16.17 3.70 10.01
CA PHE A 317 15.83 5.09 10.18
C PHE A 317 14.64 5.16 11.12
N ILE A 318 14.73 5.95 12.18
CA ILE A 318 13.63 6.20 13.11
C ILE A 318 13.18 7.65 12.92
N PRO A 319 11.95 7.92 12.52
CA PRO A 319 11.51 9.32 12.37
C PRO A 319 11.54 10.08 13.68
N LYS A 320 11.83 11.38 13.59
CA LYS A 320 11.78 12.22 14.77
C LYS A 320 10.32 12.45 15.18
N PHE A 321 10.08 12.41 16.48
CA PHE A 321 8.72 12.59 16.98
C PHE A 321 8.79 13.49 18.20
N LYS A 322 7.94 14.52 18.22
CA LYS A 322 7.93 15.50 19.28
C LYS A 322 6.81 15.27 20.28
N GLY A 323 5.98 14.25 20.06
CA GLY A 323 4.92 13.93 20.98
C GLY A 323 3.66 13.52 20.25
N PRO A 324 2.65 13.09 21.00
CA PRO A 324 1.38 12.75 20.35
C PRO A 324 0.84 13.95 19.58
N GLY A 325 0.32 13.66 18.39
CA GLY A 325 -0.27 14.69 17.56
C GLY A 325 0.70 15.52 16.76
N ASP A 326 1.99 15.24 16.86
CA ASP A 326 2.99 15.94 16.07
C ASP A 326 2.80 15.64 14.58
N THR A 327 2.70 16.68 13.75
CA THR A 327 2.56 16.53 12.29
C THR A 327 3.79 16.98 11.53
N SER A 328 4.93 17.14 12.21
N SER A 328 4.92 17.16 12.21
CA SER A 328 6.11 17.72 11.58
CA SER A 328 6.10 17.72 11.57
C SER A 328 6.67 16.89 10.42
C SER A 328 6.54 16.92 10.33
N ASN A 329 6.31 15.61 10.31
CA ASN A 329 6.82 14.76 9.23
C ASN A 329 5.92 14.74 8.01
N PHE A 330 4.87 15.56 7.99
CA PHE A 330 3.97 15.67 6.86
C PHE A 330 4.03 17.06 6.24
N ASP A 331 3.77 17.11 4.94
CA ASP A 331 3.74 18.36 4.21
C ASP A 331 2.44 19.09 4.53
N ASP A 332 2.41 20.39 4.23
CA ASP A 332 1.22 21.19 4.43
C ASP A 332 0.35 21.19 3.18
N TYR A 333 -0.96 21.29 3.43
CA TYR A 333 -1.98 21.29 2.39
C TYR A 333 -2.98 22.39 2.71
N GLU A 334 -3.66 22.87 1.68
CA GLU A 334 -4.74 23.82 1.89
C GLU A 334 -5.88 23.18 2.67
N GLU A 335 -6.41 23.91 3.66
CA GLU A 335 -7.51 23.44 4.48
C GLU A 335 -8.83 23.91 3.88
N GLU A 336 -9.86 23.09 4.03
CA GLU A 336 -11.21 23.40 3.54
C GLU A 336 -12.21 22.94 4.59
N GLU A 337 -13.15 23.82 4.96
CA GLU A 337 -14.09 23.48 6.02
C GLU A 337 -14.96 22.30 5.59
N ILE A 338 -15.24 21.40 6.52
CA ILE A 338 -16.18 20.31 6.27
C ILE A 338 -17.59 20.89 6.35
N ARG A 339 -18.40 20.62 5.32
CA ARG A 339 -19.79 21.11 5.28
C ARG A 339 -20.71 19.91 5.06
N VAL A 340 -21.60 19.67 6.01
CA VAL A 340 -22.57 18.58 5.93
C VAL A 340 -23.96 19.11 5.51
N ILE A 342 -27.99 19.47 4.54
CA ILE A 342 -29.14 19.08 5.35
C ILE A 342 -29.90 17.93 4.69
N ASN A 343 -29.50 17.60 3.45
CA ASN A 343 -30.16 16.58 2.65
C ASN A 343 -29.21 15.43 2.40
N GLU A 344 -29.69 14.19 2.60
CA GLU A 344 -28.86 13.02 2.34
C GLU A 344 -28.50 12.95 0.87
N LYS A 345 -27.21 12.82 0.58
CA LYS A 345 -26.71 12.70 -0.77
C LYS A 345 -26.33 11.25 -1.06
N CYS A 346 -26.65 10.78 -2.26
CA CYS A 346 -26.14 9.49 -2.77
C CYS A 346 -26.37 8.36 -1.76
N GLY A 347 -27.51 8.39 -1.07
CA GLY A 347 -27.74 7.42 -0.02
C GLY A 347 -27.77 5.99 -0.51
N LYS A 348 -28.33 5.77 -1.71
CA LYS A 348 -28.52 4.42 -2.22
C LYS A 348 -27.20 3.81 -2.72
N GLU A 349 -26.29 4.63 -3.26
CA GLU A 349 -25.01 4.13 -3.73
C GLU A 349 -24.12 3.65 -2.58
N PHE A 350 -24.34 4.15 -1.36
CA PHE A 350 -23.46 3.83 -0.24
C PHE A 350 -24.21 3.15 0.90
N THR A 351 -25.35 2.54 0.59
CA THR A 351 -26.11 1.78 1.59
C THR A 351 -25.21 0.88 2.42
N GLU A 352 -24.32 0.14 1.77
CA GLU A 352 -23.54 -0.89 2.46
C GLU A 352 -22.39 -0.32 3.27
N PHE A 353 -22.09 0.96 3.13
CA PHE A 353 -20.92 1.53 3.81
C PHE A 353 -21.20 1.72 5.30
N ALA B 3 13.72 12.62 -17.49
CA ALA B 3 12.76 13.64 -17.06
C ALA B 3 11.40 13.01 -16.81
N GLY B 4 10.85 13.22 -15.62
CA GLY B 4 9.61 12.57 -15.25
C GLY B 4 9.02 13.23 -14.02
N ARG B 5 7.95 12.65 -13.52
CA ARG B 5 7.20 13.30 -12.43
C ARG B 5 7.88 13.08 -11.10
N THR B 6 8.19 14.17 -10.38
CA THR B 6 8.82 14.04 -9.07
C THR B 6 7.88 14.27 -7.90
N GLY B 7 6.68 14.83 -8.14
CA GLY B 7 5.76 15.09 -7.05
C GLY B 7 4.85 13.88 -6.78
N ARG B 8 3.98 14.05 -5.81
CA ARG B 8 3.06 12.97 -5.48
C ARG B 8 2.17 12.65 -6.69
N ARG B 9 1.95 11.35 -6.88
CA ARG B 9 1.26 10.81 -8.04
C ARG B 9 -0.12 10.34 -7.65
N GLN B 10 -1.12 10.74 -8.40
CA GLN B 10 -2.51 10.35 -8.16
C GLN B 10 -2.83 9.07 -8.90
N ALA B 11 -3.44 8.14 -8.22
CA ALA B 11 -3.88 6.92 -8.87
C ALA B 11 -5.19 7.21 -9.59
N ILE B 12 -5.43 6.49 -10.68
CA ILE B 12 -6.58 6.70 -11.56
C ILE B 12 -7.52 5.52 -11.43
N HIS B 13 -8.80 5.79 -11.12
CA HIS B 13 -9.77 4.72 -10.86
C HIS B 13 -10.27 4.04 -12.13
N ASP B 14 -10.24 4.73 -13.26
CA ASP B 14 -10.72 4.15 -14.52
C ASP B 14 -9.96 4.91 -15.62
N ILE B 15 -8.87 4.33 -16.08
CA ILE B 15 -8.10 4.87 -17.16
C ILE B 15 -8.87 4.59 -18.45
#